data_5AZG
#
_entry.id   5AZG
#
_cell.length_a   63.684
_cell.length_b   80.116
_cell.length_c   111.500
_cell.angle_alpha   90.00
_cell.angle_beta   90.00
_cell.angle_gamma   90.00
#
_symmetry.space_group_name_H-M   'C 2 2 21'
#
loop_
_entity.id
_entity.type
_entity.pdbx_description
1 polymer 'Protein lgg-1'
2 polymer 'Serine/threonine-protein kinase unc-51'
3 non-polymer 'CADMIUM ION'
4 water water
#
loop_
_entity_poly.entity_id
_entity_poly.type
_entity_poly.pdbx_seq_one_letter_code
_entity_poly.pdbx_strand_id
1 'polypeptide(L)'
;GPHMKWAYKEENNFEKRRAEGDKIRRKYPDRIPVIVEKAPKSKLHDLDKKKYLVPSDLTVGQFYFLIRKRIQLRPEDALF
FFVNNVIPQTMTTMGQLYQDHHEEDLFLYIAYSDESVYG
;
A,B
2 'polypeptide(L)' YQESTDFTFL C,D
#
loop_
_chem_comp.id
_chem_comp.type
_chem_comp.name
_chem_comp.formula
CD non-polymer 'CADMIUM ION' 'Cd 2'
#
# COMPACT_ATOMS: atom_id res chain seq x y z
N GLY A 1 -27.48 -2.83 -2.69
CA GLY A 1 -26.74 -1.72 -2.07
C GLY A 1 -27.56 -0.48 -1.75
N PRO A 2 -27.01 0.38 -0.88
CA PRO A 2 -27.70 1.61 -0.52
C PRO A 2 -27.70 2.62 -1.66
N HIS A 3 -28.72 3.46 -1.72
CA HIS A 3 -28.78 4.54 -2.69
C HIS A 3 -27.95 5.71 -2.15
N MET A 4 -26.89 6.03 -2.88
CA MET A 4 -25.84 6.91 -2.40
C MET A 4 -25.98 8.31 -2.93
N LYS A 5 -25.72 9.28 -2.07
CA LYS A 5 -25.49 10.65 -2.47
C LYS A 5 -23.99 10.80 -2.32
N TRP A 6 -23.27 10.73 -3.44
CA TRP A 6 -21.83 10.87 -3.42
C TRP A 6 -21.47 12.35 -3.38
N ALA A 7 -21.04 12.82 -2.21
CA ALA A 7 -20.61 14.21 -2.04
C ALA A 7 -19.54 14.65 -3.04
N TYR A 8 -18.63 13.72 -3.38
CA TYR A 8 -17.60 14.00 -4.38
C TYR A 8 -18.18 14.34 -5.76
N LYS A 9 -19.24 13.65 -6.15
CA LYS A 9 -19.94 13.90 -7.42
C LYS A 9 -20.91 15.10 -7.36
N GLU A 10 -21.43 15.41 -6.18
CA GLU A 10 -22.30 16.59 -6.00
C GLU A 10 -21.47 17.87 -6.12
N GLU A 11 -20.26 17.83 -5.57
CA GLU A 11 -19.36 19.01 -5.54
C GLU A 11 -18.67 19.24 -6.88
N ASN A 12 -18.31 18.16 -7.57
CA ASN A 12 -17.46 18.22 -8.76
C ASN A 12 -18.12 17.52 -9.94
N ASN A 13 -18.26 18.23 -11.05
CA ASN A 13 -18.86 17.61 -12.24
C ASN A 13 -17.93 16.55 -12.89
N PHE A 14 -18.44 15.84 -13.88
CA PHE A 14 -17.68 14.77 -14.52
C PHE A 14 -16.34 15.24 -15.09
N GLU A 15 -16.36 16.38 -15.79
CA GLU A 15 -15.13 16.91 -16.41
C GLU A 15 -14.04 17.16 -15.36
N LYS A 16 -14.42 17.76 -14.25
CA LYS A 16 -13.49 18.01 -13.16
C LYS A 16 -12.99 16.70 -12.51
N ARG A 17 -13.88 15.75 -12.29
CA ARG A 17 -13.49 14.46 -11.69
C ARG A 17 -12.57 13.66 -12.62
N ARG A 18 -12.91 13.63 -13.90
CA ARG A 18 -12.08 12.95 -14.89
C ARG A 18 -10.67 13.55 -14.96
N ALA A 19 -10.55 14.86 -14.92
CA ALA A 19 -9.22 15.50 -14.92
C ALA A 19 -8.37 15.04 -13.72
N GLU A 20 -9.00 14.98 -12.55
CA GLU A 20 -8.34 14.55 -11.32
C GLU A 20 -7.95 13.08 -11.40
N GLY A 21 -8.87 12.24 -11.88
CA GLY A 21 -8.62 10.82 -12.07
C GLY A 21 -7.47 10.55 -13.03
N ASP A 22 -7.49 11.24 -14.17
CA ASP A 22 -6.42 11.21 -15.16
C ASP A 22 -5.07 11.50 -14.50
N LYS A 23 -5.00 12.65 -13.83
CA LYS A 23 -3.77 13.05 -13.13
C LYS A 23 -3.28 12.01 -12.13
N ILE A 24 -4.16 11.53 -11.26
CA ILE A 24 -3.72 10.66 -10.17
C ILE A 24 -3.35 9.26 -10.70
N ARG A 25 -4.02 8.79 -11.74
CA ARG A 25 -3.69 7.51 -12.37
C ARG A 25 -2.33 7.53 -13.07
N ARG A 26 -1.98 8.67 -13.67
CA ARG A 26 -0.63 8.83 -14.23
C ARG A 26 0.45 9.01 -13.16
N LYS A 27 0.14 9.72 -12.08
CA LYS A 27 1.12 9.94 -11.00
C LYS A 27 1.40 8.69 -10.18
N TYR A 28 0.38 7.88 -9.93
CA TYR A 28 0.48 6.69 -9.04
C TYR A 28 -0.13 5.46 -9.68
N PRO A 29 0.52 4.94 -10.73
CA PRO A 29 -0.14 3.92 -11.56
C PRO A 29 -0.43 2.59 -10.88
N ASP A 30 0.33 2.21 -9.84
CA ASP A 30 0.04 0.96 -9.11
C ASP A 30 -0.83 1.10 -7.87
N ARG A 31 -1.39 2.29 -7.66
CA ARG A 31 -2.32 2.51 -6.59
C ARG A 31 -3.72 2.75 -7.17
N ILE A 32 -4.72 2.25 -6.47
CA ILE A 32 -6.08 2.39 -6.90
C ILE A 32 -6.65 3.64 -6.21
N PRO A 33 -7.19 4.60 -6.98
CA PRO A 33 -7.83 5.75 -6.37
C PRO A 33 -9.27 5.43 -5.99
N VAL A 34 -9.60 5.54 -4.72
CA VAL A 34 -10.90 5.09 -4.23
C VAL A 34 -11.57 6.25 -3.51
N ILE A 35 -12.85 6.41 -3.77
CA ILE A 35 -13.69 7.37 -3.06
C ILE A 35 -14.56 6.53 -2.15
N VAL A 36 -14.45 6.76 -0.84
CA VAL A 36 -15.19 6.00 0.17
C VAL A 36 -16.19 6.94 0.85
N GLU A 37 -17.46 6.54 0.90
CA GLU A 37 -18.48 7.35 1.56
C GLU A 37 -19.49 6.47 2.29
N LYS A 38 -20.06 7.04 3.34
CA LYS A 38 -21.02 6.32 4.19
C LYS A 38 -22.41 6.37 3.59
N ALA A 39 -23.13 5.26 3.70
CA ALA A 39 -24.53 5.21 3.32
C ALA A 39 -25.36 6.24 4.12
N PRO A 40 -26.28 6.97 3.44
CA PRO A 40 -27.19 7.85 4.18
C PRO A 40 -27.99 7.04 5.21
N LYS A 41 -28.23 7.67 6.36
CA LYS A 41 -28.95 7.10 7.51
C LYS A 41 -28.14 6.12 8.36
N SER A 42 -26.96 5.66 7.89
CA SER A 42 -26.11 4.83 8.74
C SER A 42 -25.56 5.70 9.88
N LYS A 43 -25.63 5.16 11.10
CA LYS A 43 -25.14 5.87 12.29
C LYS A 43 -23.67 5.57 12.61
N LEU A 44 -22.97 4.92 11.68
CA LEU A 44 -21.53 4.77 11.79
C LEU A 44 -20.82 6.12 11.67
N HIS A 45 -19.62 6.22 12.23
CA HIS A 45 -18.75 7.40 12.08
C HIS A 45 -18.57 7.70 10.60
N ASP A 46 -18.66 8.99 10.27
CA ASP A 46 -18.33 9.47 8.94
C ASP A 46 -16.81 9.51 8.86
N LEU A 47 -16.22 8.89 7.84
CA LEU A 47 -14.77 8.97 7.64
C LEU A 47 -14.35 10.43 7.46
N ASP A 48 -13.24 10.80 8.11
CA ASP A 48 -12.71 12.15 7.95
C ASP A 48 -12.17 12.39 6.53
N LYS A 49 -11.53 11.38 5.95
CA LYS A 49 -11.00 11.44 4.59
C LYS A 49 -11.73 10.46 3.69
N LYS A 50 -12.16 10.91 2.51
CA LYS A 50 -12.85 10.05 1.53
C LYS A 50 -12.00 9.57 0.36
N LYS A 51 -10.83 10.17 0.16
CA LYS A 51 -10.00 9.91 -1.01
C LYS A 51 -8.80 9.07 -0.56
N TYR A 52 -8.63 7.88 -1.13
CA TYR A 52 -7.52 6.99 -0.75
C TYR A 52 -6.80 6.44 -1.97
N LEU A 53 -5.50 6.19 -1.82
CA LEU A 53 -4.72 5.54 -2.86
C LEU A 53 -4.25 4.23 -2.27
N VAL A 54 -4.77 3.14 -2.79
CA VAL A 54 -4.65 1.84 -2.14
C VAL A 54 -3.80 0.90 -3.01
N PRO A 55 -2.87 0.11 -2.42
CA PRO A 55 -2.11 -0.81 -3.26
C PRO A 55 -3.02 -1.77 -4.04
N SER A 56 -2.68 -2.03 -5.31
CA SER A 56 -3.56 -2.82 -6.19
C SER A 56 -3.85 -4.25 -5.70
N ASP A 57 -2.93 -4.85 -4.96
CA ASP A 57 -3.08 -6.24 -4.50
C ASP A 57 -3.60 -6.40 -3.07
N LEU A 58 -3.92 -5.29 -2.42
CA LEU A 58 -4.60 -5.32 -1.13
C LEU A 58 -5.98 -5.93 -1.34
N THR A 59 -6.37 -6.86 -0.49
CA THR A 59 -7.67 -7.51 -0.63
C THR A 59 -8.74 -6.65 0.00
N VAL A 60 -9.98 -6.92 -0.39
CA VAL A 60 -11.16 -6.33 0.26
C VAL A 60 -11.13 -6.57 1.76
N GLY A 61 -10.85 -7.81 2.14
CA GLY A 61 -10.74 -8.19 3.55
C GLY A 61 -9.74 -7.32 4.30
N GLN A 62 -8.59 -7.06 3.70
CA GLN A 62 -7.56 -6.24 4.35
C GLN A 62 -7.98 -4.77 4.41
N PHE A 63 -8.64 -4.31 3.36
CA PHE A 63 -9.24 -2.98 3.33
C PHE A 63 -10.31 -2.79 4.42
N TYR A 64 -11.17 -3.79 4.61
CA TYR A 64 -12.15 -3.81 5.74
C TYR A 64 -11.45 -3.51 7.04
N PHE A 65 -10.32 -4.19 7.28
CA PHE A 65 -9.62 -4.04 8.54
C PHE A 65 -9.02 -2.64 8.73
N LEU A 66 -8.55 -2.03 7.65
CA LEU A 66 -8.00 -0.67 7.73
C LEU A 66 -9.10 0.39 7.97
N ILE A 67 -10.21 0.26 7.24
CA ILE A 67 -11.35 1.18 7.40
C ILE A 67 -12.00 1.03 8.78
N ARG A 68 -12.13 -0.21 9.25
CA ARG A 68 -12.66 -0.48 10.58
C ARG A 68 -11.93 0.33 11.66
N LYS A 69 -10.60 0.35 11.61
CA LYS A 69 -9.78 1.19 12.51
C LYS A 69 -10.10 2.69 12.42
N ARG A 70 -10.24 3.19 11.19
CA ARG A 70 -10.50 4.61 10.94
C ARG A 70 -11.89 5.09 11.34
N ILE A 71 -12.89 4.22 11.33
CA ILE A 71 -14.23 4.61 11.78
C ILE A 71 -14.54 4.17 13.22
N GLN A 72 -13.52 3.74 13.96
CA GLN A 72 -13.60 3.51 15.40
C GLN A 72 -14.60 2.42 15.77
N LEU A 73 -14.63 1.33 15.00
CA LEU A 73 -15.60 0.25 15.25
C LEU A 73 -15.07 -0.86 16.14
N ARG A 74 -15.98 -1.45 16.91
CA ARG A 74 -15.68 -2.64 17.72
C ARG A 74 -15.78 -3.90 16.86
N PRO A 75 -15.38 -5.06 17.42
CA PRO A 75 -15.75 -6.36 16.83
C PRO A 75 -17.26 -6.63 16.78
N GLU A 76 -17.99 -6.05 17.74
CA GLU A 76 -19.45 -6.23 17.84
C GLU A 76 -20.24 -5.49 16.74
N ASP A 77 -19.75 -4.33 16.32
CA ASP A 77 -20.42 -3.52 15.27
C ASP A 77 -20.18 -4.06 13.87
N ALA A 78 -21.21 -4.01 13.03
CA ALA A 78 -21.17 -4.55 11.68
C ALA A 78 -20.66 -3.52 10.70
N LEU A 79 -19.90 -3.97 9.70
CA LEU A 79 -19.44 -3.12 8.61
C LEU A 79 -19.53 -3.89 7.29
N PHE A 80 -20.15 -3.28 6.29
CA PHE A 80 -20.31 -3.86 4.98
C PHE A 80 -19.89 -2.85 3.92
N PHE A 81 -19.19 -3.33 2.88
CA PHE A 81 -18.85 -2.51 1.71
C PHE A 81 -19.73 -2.83 0.51
N PHE A 82 -19.99 -1.82 -0.32
CA PHE A 82 -20.69 -2.01 -1.58
C PHE A 82 -19.90 -1.39 -2.70
N VAL A 83 -19.62 -2.20 -3.72
CA VAL A 83 -18.95 -1.80 -4.96
C VAL A 83 -19.85 -2.18 -6.11
N ASN A 84 -20.11 -1.26 -7.05
CA ASN A 84 -21.15 -1.47 -8.09
C ASN A 84 -22.48 -1.95 -7.45
N ASN A 85 -22.78 -1.38 -6.28
CA ASN A 85 -24.02 -1.63 -5.52
C ASN A 85 -24.20 -3.07 -5.01
N VAL A 86 -23.10 -3.82 -4.92
CA VAL A 86 -23.13 -5.19 -4.40
C VAL A 86 -21.97 -5.40 -3.44
N ILE A 87 -22.08 -6.42 -2.59
CA ILE A 87 -21.05 -6.71 -1.61
C ILE A 87 -19.92 -7.50 -2.30
N PRO A 88 -18.69 -6.98 -2.28
CA PRO A 88 -17.56 -7.70 -2.88
C PRO A 88 -17.10 -8.89 -2.05
N GLN A 89 -16.45 -9.84 -2.72
CA GLN A 89 -15.92 -11.04 -2.06
C GLN A 89 -14.62 -10.65 -1.30
N THR A 90 -14.39 -11.22 -0.12
CA THR A 90 -13.28 -10.75 0.74
C THR A 90 -11.88 -10.95 0.13
N MET A 91 -11.72 -11.96 -0.72
CA MET A 91 -10.42 -12.25 -1.32
C MET A 91 -10.14 -11.45 -2.57
N THR A 92 -11.14 -10.76 -3.12
CA THR A 92 -10.96 -9.96 -4.31
C THR A 92 -10.01 -8.80 -4.01
N THR A 93 -9.09 -8.51 -4.93
CA THR A 93 -8.17 -7.39 -4.75
C THR A 93 -8.79 -6.07 -5.20
N MET A 94 -8.25 -4.98 -4.67
CA MET A 94 -8.66 -3.65 -5.04
C MET A 94 -8.40 -3.40 -6.52
N GLY A 95 -7.31 -3.97 -7.04
CA GLY A 95 -7.00 -3.92 -8.47
C GLY A 95 -8.03 -4.59 -9.35
N GLN A 96 -8.50 -5.75 -8.93
CA GLN A 96 -9.53 -6.49 -9.65
C GLN A 96 -10.85 -5.72 -9.64
N LEU A 97 -11.21 -5.17 -8.48
CA LEU A 97 -12.43 -4.34 -8.39
C LEU A 97 -12.33 -3.11 -9.27
N TYR A 98 -11.16 -2.47 -9.28
CA TYR A 98 -10.93 -1.31 -10.14
C TYR A 98 -11.07 -1.66 -11.64
N GLN A 99 -10.43 -2.74 -12.05
CA GLN A 99 -10.47 -3.22 -13.43
C GLN A 99 -11.92 -3.42 -13.89
N ASP A 100 -12.72 -4.02 -13.01
CA ASP A 100 -14.09 -4.37 -13.38
C ASP A 100 -15.09 -3.25 -13.17
N HIS A 101 -14.83 -2.34 -12.23
CA HIS A 101 -15.87 -1.44 -11.75
C HIS A 101 -15.52 0.02 -11.61
N HIS A 102 -14.35 0.45 -12.09
CA HIS A 102 -14.04 1.86 -12.10
C HIS A 102 -15.08 2.59 -12.94
N GLU A 103 -15.39 3.80 -12.49
CA GLU A 103 -16.24 4.71 -13.26
C GLU A 103 -15.49 5.37 -14.38
N GLU A 104 -16.22 6.06 -15.26
CA GLU A 104 -15.62 6.79 -16.37
C GLU A 104 -14.71 7.95 -15.93
N ASP A 105 -14.83 8.42 -14.69
CA ASP A 105 -13.88 9.42 -14.15
C ASP A 105 -12.56 8.81 -13.68
N LEU A 106 -12.42 7.48 -13.82
CA LEU A 106 -11.24 6.71 -13.38
C LEU A 106 -11.10 6.49 -11.86
N PHE A 107 -12.17 6.73 -11.09
CA PHE A 107 -12.21 6.38 -9.67
C PHE A 107 -13.00 5.09 -9.45
N LEU A 108 -12.64 4.40 -8.38
CA LEU A 108 -13.46 3.32 -7.79
C LEU A 108 -14.20 3.88 -6.59
N TYR A 109 -15.53 3.74 -6.62
CA TYR A 109 -16.41 4.24 -5.57
C TYR A 109 -16.81 3.09 -4.65
N ILE A 110 -16.60 3.27 -3.36
CA ILE A 110 -16.94 2.24 -2.36
C ILE A 110 -17.81 2.86 -1.29
N ALA A 111 -18.99 2.28 -1.06
CA ALA A 111 -19.90 2.73 -0.02
C ALA A 111 -19.77 1.79 1.16
N TYR A 112 -19.91 2.32 2.37
CA TYR A 112 -19.92 1.49 3.58
C TYR A 112 -21.14 1.76 4.45
N SER A 113 -21.57 0.73 5.15
CA SER A 113 -22.73 0.83 6.02
C SER A 113 -22.67 -0.24 7.08
N ASP A 114 -23.50 -0.08 8.10
CA ASP A 114 -23.74 -1.09 9.14
C ASP A 114 -24.83 -2.08 8.73
N GLU A 115 -25.53 -1.79 7.65
CA GLU A 115 -26.58 -2.69 7.12
C GLU A 115 -26.14 -3.34 5.81
N SER A 116 -26.60 -4.57 5.58
CA SER A 116 -26.16 -5.35 4.42
C SER A 116 -27.17 -5.42 3.28
N VAL A 117 -28.42 -5.04 3.52
CA VAL A 117 -29.52 -5.25 2.61
C VAL A 117 -30.38 -3.99 2.56
N TYR A 118 -30.62 -3.50 1.35
CA TYR A 118 -31.37 -2.27 1.08
C TYR A 118 -32.44 -2.49 0.02
N GLY A 119 -33.52 -1.72 0.13
CA GLY A 119 -34.62 -1.76 -0.84
C GLY A 119 -34.23 -1.04 -2.12
N GLY B 1 28.17 0.66 3.00
CA GLY B 1 26.90 0.48 3.75
C GLY B 1 27.06 0.03 5.19
N PRO B 2 25.99 0.14 5.99
CA PRO B 2 26.04 -0.25 7.40
C PRO B 2 26.06 -1.76 7.57
N HIS B 3 26.66 -2.22 8.67
CA HIS B 3 26.68 -3.64 9.00
C HIS B 3 25.40 -4.02 9.70
N MET B 4 24.64 -4.92 9.09
CA MET B 4 23.27 -5.18 9.49
C MET B 4 23.08 -6.50 10.24
N LYS B 5 22.19 -6.46 11.23
CA LYS B 5 21.64 -7.65 11.85
C LYS B 5 20.20 -7.69 11.36
N TRP B 6 19.88 -8.65 10.51
CA TRP B 6 18.54 -8.74 9.91
C TRP B 6 17.65 -9.63 10.78
N ALA B 7 16.67 -9.00 11.46
CA ALA B 7 15.67 -9.73 12.25
C ALA B 7 15.03 -10.89 11.50
N TYR B 8 14.71 -10.69 10.23
CA TYR B 8 14.14 -11.75 9.38
C TYR B 8 15.05 -12.98 9.30
N LYS B 9 16.36 -12.75 9.19
CA LYS B 9 17.35 -13.85 9.13
C LYS B 9 17.66 -14.43 10.51
N GLU B 10 17.61 -13.61 11.57
CA GLU B 10 17.75 -14.12 12.93
C GLU B 10 16.62 -15.10 13.30
N GLU B 11 15.39 -14.78 12.91
CA GLU B 11 14.23 -15.61 13.24
C GLU B 11 14.04 -16.83 12.33
N ASN B 12 14.44 -16.72 11.06
CA ASN B 12 14.19 -17.77 10.06
C ASN B 12 15.48 -18.20 9.35
N ASN B 13 15.78 -19.51 9.37
CA ASN B 13 16.95 -20.03 8.64
C ASN B 13 16.77 -19.96 7.11
N PHE B 14 17.86 -20.21 6.37
CA PHE B 14 17.83 -20.09 4.91
C PHE B 14 16.72 -20.89 4.24
N GLU B 15 16.58 -22.16 4.64
CA GLU B 15 15.60 -23.05 4.00
C GLU B 15 14.17 -22.52 4.15
N LYS B 16 13.85 -22.05 5.34
CA LYS B 16 12.55 -21.45 5.62
C LYS B 16 12.33 -20.16 4.84
N ARG B 17 13.36 -19.29 4.79
CA ARG B 17 13.25 -18.04 4.05
C ARG B 17 13.07 -18.29 2.55
N ARG B 18 13.89 -19.18 1.98
CA ARG B 18 13.79 -19.47 0.53
C ARG B 18 12.41 -20.02 0.15
N ALA B 19 11.86 -20.90 0.99
CA ALA B 19 10.53 -21.45 0.73
C ALA B 19 9.49 -20.33 0.67
N GLU B 20 9.61 -19.35 1.57
CA GLU B 20 8.74 -18.19 1.63
C GLU B 20 8.89 -17.31 0.38
N GLY B 21 10.13 -17.01 0.00
CA GLY B 21 10.40 -16.20 -1.19
C GLY B 21 9.93 -16.85 -2.48
N ASP B 22 10.12 -18.15 -2.59
CA ASP B 22 9.69 -18.92 -3.76
C ASP B 22 8.17 -18.83 -3.94
N LYS B 23 7.45 -19.09 -2.85
CA LYS B 23 5.98 -19.02 -2.83
C LYS B 23 5.46 -17.63 -3.18
N ILE B 24 6.06 -16.62 -2.56
CA ILE B 24 5.64 -15.22 -2.74
C ILE B 24 5.89 -14.67 -4.14
N ARG B 25 7.00 -15.07 -4.75
CA ARG B 25 7.28 -14.71 -6.15
C ARG B 25 6.25 -15.31 -7.10
N ARG B 26 5.89 -16.56 -6.86
CA ARG B 26 4.83 -17.25 -7.63
C ARG B 26 3.46 -16.60 -7.44
N LYS B 27 3.14 -16.21 -6.21
CA LYS B 27 1.82 -15.65 -5.89
C LYS B 27 1.63 -14.22 -6.43
N TYR B 28 2.70 -13.42 -6.44
CA TYR B 28 2.65 -12.02 -6.90
C TYR B 28 3.77 -11.71 -7.88
N PRO B 29 3.65 -12.20 -9.14
CA PRO B 29 4.76 -12.05 -10.08
C PRO B 29 5.02 -10.61 -10.55
N ASP B 30 4.05 -9.72 -10.36
CA ASP B 30 4.22 -8.28 -10.60
C ASP B 30 4.86 -7.52 -9.43
N ARG B 31 5.24 -8.22 -8.36
CA ARG B 31 5.88 -7.59 -7.21
C ARG B 31 7.16 -8.31 -6.83
N ILE B 32 7.98 -7.63 -6.04
CA ILE B 32 9.15 -8.28 -5.45
C ILE B 32 9.09 -8.21 -3.93
N PRO B 33 9.57 -9.27 -3.26
CA PRO B 33 9.65 -9.29 -1.80
C PRO B 33 10.91 -8.59 -1.31
N VAL B 34 10.73 -7.61 -0.44
CA VAL B 34 11.81 -6.78 0.07
C VAL B 34 11.80 -6.82 1.58
N ILE B 35 12.97 -7.05 2.18
CA ILE B 35 13.17 -6.87 3.62
C ILE B 35 13.80 -5.50 3.83
N VAL B 36 13.14 -4.67 4.63
CA VAL B 36 13.60 -3.31 4.92
C VAL B 36 13.85 -3.19 6.42
N GLU B 37 15.07 -2.81 6.80
CA GLU B 37 15.41 -2.65 8.22
C GLU B 37 16.32 -1.43 8.42
N LYS B 38 16.18 -0.81 9.58
CA LYS B 38 16.98 0.37 9.94
C LYS B 38 18.40 -0.01 10.32
N ALA B 39 19.37 0.82 9.91
CA ALA B 39 20.75 0.71 10.39
C ALA B 39 20.80 0.80 11.93
N PRO B 40 21.58 -0.10 12.60
CA PRO B 40 21.53 -0.29 14.06
C PRO B 40 21.56 0.96 14.95
N LYS B 41 22.47 1.88 14.66
CA LYS B 41 22.67 3.07 15.50
C LYS B 41 21.94 4.32 15.02
N SER B 42 21.14 4.21 13.95
CA SER B 42 20.43 5.37 13.40
C SER B 42 19.31 5.87 14.32
N LYS B 43 19.22 7.19 14.42
CA LYS B 43 18.20 7.88 15.24
C LYS B 43 16.82 8.00 14.57
N LEU B 44 16.70 7.57 13.30
CA LEU B 44 15.42 7.56 12.60
C LEU B 44 14.42 6.61 13.25
N HIS B 45 13.13 6.84 12.98
CA HIS B 45 12.07 5.91 13.36
C HIS B 45 12.39 4.49 12.87
N ASP B 46 12.28 3.53 13.78
CA ASP B 46 12.48 2.13 13.48
C ASP B 46 11.15 1.55 12.98
N LEU B 47 11.06 1.24 11.69
CA LEU B 47 9.83 0.67 11.10
C LEU B 47 9.48 -0.65 11.75
N ASP B 48 8.22 -0.78 12.12
CA ASP B 48 7.68 -2.01 12.70
C ASP B 48 7.64 -3.12 11.66
N LYS B 49 7.01 -2.82 10.52
CA LYS B 49 6.89 -3.78 9.43
C LYS B 49 8.21 -3.83 8.65
N LYS B 50 8.67 -5.04 8.40
CA LYS B 50 9.95 -5.26 7.70
C LYS B 50 9.82 -6.00 6.36
N LYS B 51 8.72 -6.72 6.13
CA LYS B 51 8.49 -7.50 4.91
C LYS B 51 7.53 -6.74 4.00
N TYR B 52 8.01 -6.33 2.83
CA TYR B 52 7.20 -5.57 1.88
C TYR B 52 7.08 -6.27 0.54
N LEU B 53 5.94 -6.08 -0.13
CA LEU B 53 5.75 -6.52 -1.50
C LEU B 53 5.62 -5.27 -2.36
N VAL B 54 6.64 -5.02 -3.17
CA VAL B 54 6.83 -3.77 -3.87
C VAL B 54 6.61 -4.01 -5.37
N PRO B 55 5.87 -3.12 -6.06
CA PRO B 55 5.79 -3.26 -7.53
C PRO B 55 7.16 -3.24 -8.21
N SER B 56 7.38 -4.16 -9.14
CA SER B 56 8.68 -4.29 -9.82
C SER B 56 9.14 -3.06 -10.62
N ASP B 57 8.19 -2.26 -11.12
CA ASP B 57 8.54 -1.05 -11.88
C ASP B 57 8.55 0.26 -11.07
N LEU B 58 8.41 0.16 -9.75
CA LEU B 58 8.61 1.31 -8.85
C LEU B 58 10.07 1.76 -8.87
N THR B 59 10.31 3.05 -9.09
CA THR B 59 11.67 3.57 -9.05
C THR B 59 12.13 3.69 -7.61
N VAL B 60 13.45 3.74 -7.44
CA VAL B 60 14.05 4.02 -6.12
C VAL B 60 13.52 5.36 -5.57
N GLY B 61 13.39 6.36 -6.44
CA GLY B 61 12.81 7.65 -6.05
C GLY B 61 11.41 7.54 -5.45
N GLN B 62 10.55 6.77 -6.11
CA GLN B 62 9.19 6.54 -5.63
C GLN B 62 9.15 5.70 -4.35
N PHE B 63 10.09 4.77 -4.22
CA PHE B 63 10.28 3.97 -3.00
C PHE B 63 10.71 4.86 -1.83
N TYR B 64 11.69 5.75 -2.06
CA TYR B 64 12.08 6.77 -1.07
C TYR B 64 10.85 7.57 -0.59
N PHE B 65 10.02 8.01 -1.53
CA PHE B 65 8.81 8.78 -1.23
C PHE B 65 7.86 8.04 -0.27
N LEU B 66 7.61 6.76 -0.55
CA LEU B 66 6.69 5.96 0.26
C LEU B 66 7.27 5.65 1.64
N ILE B 67 8.54 5.29 1.70
CA ILE B 67 9.21 4.98 2.97
C ILE B 67 9.30 6.22 3.87
N ARG B 68 9.65 7.38 3.29
CA ARG B 68 9.60 8.66 4.01
C ARG B 68 8.27 8.91 4.72
N LYS B 69 7.16 8.60 4.03
CA LYS B 69 5.83 8.72 4.63
C LYS B 69 5.65 7.80 5.83
N ARG B 70 6.10 6.54 5.70
CA ARG B 70 5.98 5.56 6.79
C ARG B 70 6.81 5.93 8.02
N ILE B 71 8.04 6.40 7.81
CA ILE B 71 8.89 6.82 8.95
C ILE B 71 8.66 8.27 9.43
N GLN B 72 7.70 8.96 8.81
CA GLN B 72 7.25 10.29 9.24
C GLN B 72 8.33 11.36 9.06
N LEU B 73 9.06 11.28 7.96
CA LEU B 73 10.11 12.25 7.64
C LEU B 73 9.63 13.32 6.69
N ARG B 74 10.33 14.45 6.75
CA ARG B 74 10.10 15.58 5.87
C ARG B 74 11.03 15.42 4.66
N PRO B 75 10.76 16.12 3.54
CA PRO B 75 11.67 16.03 2.37
C PRO B 75 13.10 16.51 2.67
N GLU B 76 13.23 17.48 3.56
CA GLU B 76 14.54 17.98 4.02
C GLU B 76 15.39 16.99 4.84
N ASP B 77 14.76 16.03 5.51
CA ASP B 77 15.47 15.10 6.41
C ASP B 77 16.25 14.07 5.63
N ALA B 78 17.41 13.68 6.17
CA ALA B 78 18.31 12.77 5.47
C ALA B 78 17.82 11.34 5.57
N LEU B 79 17.75 10.69 4.40
CA LEU B 79 17.40 9.27 4.30
C LEU B 79 18.19 8.66 3.15
N PHE B 80 18.92 7.58 3.44
CA PHE B 80 19.68 6.84 2.44
C PHE B 80 19.32 5.36 2.52
N PHE B 81 19.22 4.72 1.35
CA PHE B 81 19.03 3.28 1.26
C PHE B 81 20.31 2.61 0.82
N PHE B 82 20.53 1.40 1.30
CA PHE B 82 21.67 0.58 0.90
C PHE B 82 21.17 -0.79 0.41
N VAL B 83 21.56 -1.17 -0.81
CA VAL B 83 21.26 -2.48 -1.41
C VAL B 83 22.58 -3.10 -1.83
N ASN B 84 22.83 -4.35 -1.41
CA ASN B 84 24.15 -4.97 -1.61
C ASN B 84 25.26 -4.04 -1.10
N ASN B 85 24.98 -3.40 0.03
CA ASN B 85 25.90 -2.52 0.75
C ASN B 85 26.28 -1.20 0.03
N VAL B 86 25.54 -0.82 -1.02
CA VAL B 86 25.78 0.44 -1.75
C VAL B 86 24.48 1.23 -1.94
N ILE B 87 24.60 2.53 -2.15
CA ILE B 87 23.45 3.40 -2.31
C ILE B 87 23.04 3.38 -3.78
N PRO B 88 21.77 3.07 -4.09
CA PRO B 88 21.32 3.01 -5.48
C PRO B 88 20.98 4.38 -6.05
N GLN B 89 20.98 4.49 -7.37
CA GLN B 89 20.55 5.72 -8.04
C GLN B 89 19.02 5.78 -8.09
N THR B 90 18.48 7.00 -8.10
CA THR B 90 17.04 7.23 -7.93
C THR B 90 16.18 6.71 -9.10
N MET B 91 16.76 6.66 -10.29
CA MET B 91 16.03 6.23 -11.50
C MET B 91 15.95 4.70 -11.68
N THR B 92 16.78 3.94 -10.96
CA THR B 92 16.72 2.48 -11.02
C THR B 92 15.38 1.98 -10.47
N THR B 93 14.83 0.94 -11.11
CA THR B 93 13.59 0.32 -10.62
C THR B 93 13.91 -0.74 -9.57
N MET B 94 12.93 -1.01 -8.71
CA MET B 94 13.08 -2.04 -7.68
C MET B 94 13.25 -3.42 -8.33
N GLY B 95 12.59 -3.63 -9.46
CA GLY B 95 12.73 -4.86 -10.26
C GLY B 95 14.15 -5.10 -10.75
N GLN B 96 14.77 -4.03 -11.26
CA GLN B 96 16.18 -4.05 -11.67
C GLN B 96 17.11 -4.39 -10.49
N LEU B 97 16.91 -3.72 -9.36
CA LEU B 97 17.67 -4.02 -8.15
C LEU B 97 17.49 -5.47 -7.71
N TYR B 98 16.24 -5.93 -7.74
CA TYR B 98 15.92 -7.31 -7.37
C TYR B 98 16.68 -8.31 -8.24
N GLN B 99 16.60 -8.15 -9.56
CA GLN B 99 17.22 -9.12 -10.46
C GLN B 99 18.74 -9.18 -10.27
N ASP B 100 19.36 -8.03 -10.03
CA ASP B 100 20.80 -7.95 -9.83
C ASP B 100 21.30 -8.37 -8.45
N HIS B 101 20.50 -8.11 -7.42
CA HIS B 101 20.98 -8.19 -6.04
C HIS B 101 20.16 -9.00 -5.06
N HIS B 102 19.12 -9.71 -5.52
CA HIS B 102 18.41 -10.61 -4.62
C HIS B 102 19.39 -11.63 -4.03
N GLU B 103 19.18 -11.98 -2.77
CA GLU B 103 19.94 -13.07 -2.17
C GLU B 103 19.39 -14.41 -2.62
N GLU B 104 20.08 -15.49 -2.28
CA GLU B 104 19.66 -16.83 -2.72
C GLU B 104 18.30 -17.26 -2.14
N ASP B 105 17.86 -16.62 -1.05
CA ASP B 105 16.51 -16.84 -0.50
C ASP B 105 15.40 -16.13 -1.29
N LEU B 106 15.75 -15.45 -2.38
CA LEU B 106 14.82 -14.76 -3.28
C LEU B 106 14.21 -13.47 -2.69
N PHE B 107 14.82 -12.93 -1.62
CA PHE B 107 14.45 -11.62 -1.10
C PHE B 107 15.50 -10.58 -1.50
N LEU B 108 15.04 -9.34 -1.67
CA LEU B 108 15.94 -8.19 -1.76
C LEU B 108 16.02 -7.55 -0.39
N TYR B 109 17.25 -7.27 0.06
CA TYR B 109 17.49 -6.69 1.38
C TYR B 109 17.89 -5.22 1.24
N ILE B 110 17.18 -4.34 1.94
CA ILE B 110 17.42 -2.89 1.89
C ILE B 110 17.56 -2.33 3.29
N ALA B 111 18.71 -1.72 3.59
CA ALA B 111 18.91 -1.01 4.85
C ALA B 111 18.62 0.46 4.63
N TYR B 112 18.06 1.12 5.63
CA TYR B 112 17.94 2.58 5.61
C TYR B 112 18.63 3.26 6.79
N SER B 113 19.07 4.49 6.54
CA SER B 113 19.77 5.27 7.55
C SER B 113 19.70 6.75 7.23
N ASP B 114 20.00 7.56 8.24
CA ASP B 114 20.16 9.00 8.05
C ASP B 114 21.60 9.37 7.65
N GLU B 115 22.51 8.40 7.67
CA GLU B 115 23.91 8.60 7.26
C GLU B 115 24.25 7.84 5.98
N SER B 116 25.16 8.42 5.18
CA SER B 116 25.54 7.85 3.89
C SER B 116 26.87 7.07 3.89
N VAL B 117 27.70 7.25 4.92
CA VAL B 117 29.03 6.61 4.96
C VAL B 117 29.23 5.80 6.23
N TYR B 118 29.70 4.57 6.04
CA TYR B 118 29.90 3.61 7.12
C TYR B 118 31.25 2.92 6.94
N GLY B 119 31.90 2.59 8.05
CA GLY B 119 33.21 1.94 8.03
C GLY B 119 33.09 0.48 7.64
N ASP C 6 -6.44 16.21 -0.50
CA ASP C 6 -5.30 15.37 -0.95
C ASP C 6 -5.59 13.91 -0.61
N PHE C 7 -5.00 12.99 -1.37
CA PHE C 7 -5.22 11.55 -1.18
C PHE C 7 -4.47 11.00 0.03
N THR C 8 -5.09 10.05 0.71
CA THR C 8 -4.46 9.33 1.80
C THR C 8 -3.91 8.01 1.27
N PHE C 9 -2.63 7.75 1.52
CA PHE C 9 -1.97 6.51 1.10
C PHE C 9 -2.21 5.45 2.17
N LEU C 10 -2.72 4.28 1.74
CA LEU C 10 -2.88 3.12 2.64
C LEU C 10 -1.82 2.06 2.32
N THR D 5 3.73 -11.88 10.46
CA THR D 5 4.28 -12.68 9.32
C THR D 5 3.84 -12.17 7.93
N ASP D 6 2.69 -11.51 7.84
CA ASP D 6 2.19 -11.00 6.55
C ASP D 6 3.09 -9.93 5.96
N PHE D 7 3.09 -9.86 4.63
CA PHE D 7 3.73 -8.78 3.88
C PHE D 7 2.86 -7.54 3.88
N THR D 8 3.50 -6.39 3.79
CA THR D 8 2.83 -5.11 3.60
C THR D 8 3.00 -4.70 2.15
N PHE D 9 1.89 -4.43 1.45
CA PHE D 9 1.94 -3.97 0.06
C PHE D 9 2.32 -2.48 -0.01
N LEU D 10 3.18 -2.15 -0.97
CA LEU D 10 3.51 -0.75 -1.29
C LEU D 10 2.98 -0.40 -2.67
CD CD E . -33.46 0.33 -4.55
CD CD F . -5.90 16.77 -6.30
CD CD G . -10.59 16.57 8.66
CD CD H . -12.95 -9.54 -13.30
CD CD I . -17.34 -7.73 -9.84
CD CD J . 3.56 -0.76 -12.18
CD CD K . -0.68 -3.67 -12.16
CD CD L . -0.87 -7.67 -8.83
CD CD M . 32.88 -2.29 7.42
CD CD N . 19.21 -15.90 -8.66
CD CD O . 4.00 -15.91 4.67
CD CD P . 22.62 10.13 12.78
CD CD Q . 23.62 -2.84 -9.06
CD CD R . 4.59 -4.93 15.83
#